data_7JS6
#
_entry.id   7JS6
#
_entity_poly.entity_id   1
_entity_poly.type   'polypeptide(L)'
_entity_poly.pdbx_seq_one_letter_code
;LLGRSGNDRLILSKN
;
_entity_poly.pdbx_strand_id   A
#
# COMPACT_ATOMS: atom_id res chain seq x y z
N LEU A 1 1.96 2.11 1.46
CA LEU A 1 3.04 2.12 0.49
C LEU A 1 3.94 0.90 0.67
N LEU A 2 4.89 0.73 -0.25
CA LEU A 2 5.81 -0.40 -0.17
C LEU A 2 5.09 -1.69 -0.57
N GLY A 3 4.57 -1.73 -1.79
CA GLY A 3 3.86 -2.91 -2.27
C GLY A 3 2.69 -2.50 -3.15
N ARG A 4 2.03 -3.49 -3.75
CA ARG A 4 0.89 -3.22 -4.61
C ARG A 4 -0.37 -3.84 -4.04
N SER A 5 -1.04 -3.11 -3.14
CA SER A 5 -2.25 -3.59 -2.52
C SER A 5 -3.06 -2.44 -1.93
N GLY A 6 -4.32 -2.70 -1.61
CA GLY A 6 -5.18 -1.67 -1.04
C GLY A 6 -4.66 -0.27 -1.37
N ASN A 7 -4.67 0.61 -0.38
CA ASN A 7 -4.19 1.98 -0.58
C ASN A 7 -3.56 2.51 0.70
N ASP A 8 -2.24 2.59 0.71
CA ASP A 8 -1.52 3.09 1.88
C ASP A 8 -1.02 4.50 1.62
N ARG A 9 0.18 4.80 2.11
CA ARG A 9 0.76 6.12 1.94
C ARG A 9 0.98 6.43 0.46
N LEU A 10 1.43 5.42 -0.30
CA LEU A 10 1.66 5.59 -1.73
C LEU A 10 1.15 4.37 -2.50
N ILE A 11 1.86 3.26 -2.34
CA ILE A 11 1.49 2.02 -3.03
C ILE A 11 1.53 0.83 -2.07
N LEU A 12 0.35 0.35 -1.67
CA LEU A 12 0.26 -0.78 -0.75
C LEU A 12 -1.05 -0.72 0.06
N SER A 13 -1.52 -1.88 0.49
CA SER A 13 -2.74 -1.94 1.28
C SER A 13 -2.54 -1.33 2.66
N LYS A 14 -1.77 -2.01 3.49
CA LYS A 14 -1.50 -1.52 4.84
C LYS A 14 -0.67 -2.54 5.62
N ASN A 15 -1.07 -3.80 5.57
CA ASN A 15 -0.37 -4.87 6.28
C ASN A 15 0.58 -5.60 5.34
N LEU A 1 2.16 1.74 1.33
CA LEU A 1 3.22 1.83 0.34
C LEU A 1 4.32 0.82 0.64
N LEU A 2 4.55 -0.11 -0.28
CA LEU A 2 5.58 -1.12 -0.10
C LEU A 2 5.48 -2.17 -1.20
N GLY A 3 4.34 -2.20 -1.88
CA GLY A 3 4.11 -3.16 -2.95
C GLY A 3 3.21 -2.55 -4.01
N ARG A 4 1.92 -2.82 -3.88
CA ARG A 4 0.93 -2.31 -4.82
C ARG A 4 -0.29 -3.21 -4.84
N SER A 5 -0.85 -3.46 -3.66
CA SER A 5 -2.02 -4.32 -3.54
C SER A 5 -3.01 -3.74 -2.53
N GLY A 6 -2.94 -2.43 -2.33
CA GLY A 6 -3.83 -1.76 -1.38
C GLY A 6 -3.59 -0.26 -1.38
N ASN A 7 -4.18 0.42 -0.41
CA ASN A 7 -4.03 1.86 -0.30
C ASN A 7 -3.31 2.24 0.99
N ASP A 8 -2.03 2.60 0.87
CA ASP A 8 -1.25 2.99 2.04
C ASP A 8 -0.73 4.42 1.88
N ARG A 9 0.54 4.61 2.24
CA ARG A 9 1.16 5.92 2.12
C ARG A 9 1.13 6.41 0.67
N LEU A 10 1.40 5.49 -0.25
CA LEU A 10 1.40 5.84 -1.68
C LEU A 10 0.56 4.83 -2.47
N ILE A 11 1.02 3.59 -2.49
CA ILE A 11 0.31 2.54 -3.22
C ILE A 11 0.58 1.18 -2.57
N LEU A 12 -0.37 0.72 -1.76
CA LEU A 12 -0.23 -0.58 -1.09
C LEU A 12 -1.25 -0.70 0.04
N SER A 13 -1.50 -1.94 0.46
CA SER A 13 -2.44 -2.19 1.54
C SER A 13 -1.81 -1.90 2.89
N LYS A 14 -2.64 -1.80 3.93
CA LYS A 14 -2.14 -1.53 5.27
C LYS A 14 -1.98 -2.83 6.05
N ASN A 15 -1.00 -2.85 6.96
CA ASN A 15 -0.75 -4.03 7.77
C ASN A 15 0.08 -3.68 8.99
N LEU A 1 2.11 1.55 1.62
CA LEU A 1 3.10 1.62 0.55
C LEU A 1 4.33 0.80 0.89
N LEU A 2 4.69 -0.12 0.00
CA LEU A 2 5.85 -0.96 0.21
C LEU A 2 5.95 -2.01 -0.89
N GLY A 3 4.87 -2.18 -1.63
CA GLY A 3 4.83 -3.14 -2.71
C GLY A 3 3.79 -2.72 -3.75
N ARG A 4 2.54 -3.05 -3.47
CA ARG A 4 1.44 -2.69 -4.37
C ARG A 4 0.13 -3.26 -3.83
N SER A 5 -0.98 -2.65 -4.23
CA SER A 5 -2.29 -3.11 -3.79
C SER A 5 -2.62 -2.55 -2.41
N GLY A 6 -3.61 -1.65 -2.37
CA GLY A 6 -4.02 -1.05 -1.11
C GLY A 6 -3.93 0.47 -1.19
N ASN A 7 -4.05 1.12 -0.03
CA ASN A 7 -3.99 2.57 0.02
C ASN A 7 -3.24 3.04 1.26
N ASP A 8 -2.03 2.52 1.45
CA ASP A 8 -1.22 2.89 2.60
C ASP A 8 -0.73 4.33 2.47
N ARG A 9 -0.41 4.73 1.25
CA ARG A 9 0.06 6.09 1.00
C ARG A 9 0.25 6.32 -0.51
N LEU A 10 1.06 5.48 -1.14
CA LEU A 10 1.30 5.61 -2.57
C LEU A 10 0.61 4.48 -3.34
N ILE A 11 0.75 3.26 -2.85
CA ILE A 11 0.14 2.10 -3.50
C ILE A 11 0.43 0.83 -2.72
N LEU A 12 -0.45 0.50 -1.77
CA LEU A 12 -0.29 -0.70 -0.96
C LEU A 12 -1.30 -0.72 0.17
N SER A 13 -1.47 -1.89 0.79
CA SER A 13 -2.42 -2.03 1.88
C SER A 13 -1.68 -2.37 3.18
N LYS A 14 -2.03 -1.66 4.26
CA LYS A 14 -1.40 -1.89 5.54
C LYS A 14 -1.80 -3.25 6.10
N ASN A 15 -0.84 -3.98 6.65
CA ASN A 15 -1.11 -5.29 7.22
C ASN A 15 -0.33 -5.48 8.52
N LEU A 1 2.22 1.80 1.23
CA LEU A 1 3.29 2.03 0.27
C LEU A 1 4.43 1.04 0.48
N LEU A 2 4.72 0.24 -0.55
CA LEU A 2 5.79 -0.75 -0.46
C LEU A 2 5.56 -1.86 -1.46
N GLY A 3 4.92 -1.53 -2.57
CA GLY A 3 4.62 -2.51 -3.61
C GLY A 3 3.27 -2.21 -4.24
N ARG A 4 2.27 -3.01 -3.89
CA ARG A 4 0.93 -2.84 -4.42
C ARG A 4 0.01 -3.93 -3.88
N SER A 5 -1.03 -3.52 -3.16
CA SER A 5 -1.97 -4.47 -2.58
C SER A 5 -3.20 -3.73 -2.05
N GLY A 6 -2.99 -2.57 -1.46
CA GLY A 6 -4.09 -1.78 -0.94
C GLY A 6 -3.81 -0.29 -1.07
N ASN A 7 -4.36 0.50 -0.15
CA ASN A 7 -4.15 1.95 -0.17
C ASN A 7 -3.38 2.40 1.07
N ASP A 8 -2.06 2.49 0.94
CA ASP A 8 -1.23 2.91 2.06
C ASP A 8 -0.77 4.35 1.86
N ARG A 9 0.45 4.65 2.27
CA ARG A 9 1.00 5.99 2.12
C ARG A 9 1.07 6.38 0.65
N LEU A 10 1.36 5.42 -0.21
CA LEU A 10 1.43 5.68 -1.64
C LEU A 10 0.68 4.61 -2.43
N ILE A 11 1.22 3.40 -2.45
CA ILE A 11 0.58 2.29 -3.15
C ILE A 11 0.86 0.97 -2.45
N LEU A 12 -0.12 0.49 -1.70
CA LEU A 12 0.02 -0.77 -0.97
C LEU A 12 -0.99 -0.86 0.16
N SER A 13 -1.29 -2.08 0.58
CA SER A 13 -2.25 -2.30 1.66
C SER A 13 -1.62 -1.97 3.02
N LYS A 14 -2.40 -1.33 3.89
CA LYS A 14 -1.91 -0.96 5.20
C LYS A 14 -1.52 -2.20 6.01
N ASN A 15 -2.34 -3.24 5.91
CA ASN A 15 -2.08 -4.48 6.62
C ASN A 15 -1.81 -4.20 8.11
N LEU A 1 2.14 1.64 1.46
CA LEU A 1 3.09 1.68 0.36
C LEU A 1 4.22 0.68 0.58
N LEU A 2 4.75 0.16 -0.52
CA LEU A 2 5.83 -0.82 -0.47
C LEU A 2 5.74 -1.78 -1.64
N GLY A 3 4.76 -1.53 -2.51
CA GLY A 3 4.54 -2.38 -3.68
C GLY A 3 3.20 -2.06 -4.33
N ARG A 4 2.33 -3.05 -4.36
CA ARG A 4 1.00 -2.88 -4.94
C ARG A 4 0.02 -3.82 -4.25
N SER A 5 -1.18 -3.30 -3.97
CA SER A 5 -2.20 -4.09 -3.30
C SER A 5 -3.38 -3.20 -2.89
N GLY A 6 -3.36 -2.74 -1.65
CA GLY A 6 -4.42 -1.90 -1.14
C GLY A 6 -4.02 -0.43 -1.22
N ASN A 7 -4.29 0.32 -0.15
CA ASN A 7 -3.95 1.73 -0.12
C ASN A 7 -3.29 2.10 1.20
N ASP A 8 -1.99 2.39 1.16
CA ASP A 8 -1.26 2.76 2.36
C ASP A 8 -0.83 4.22 2.29
N ARG A 9 0.46 4.46 2.44
CA ARG A 9 0.99 5.81 2.39
C ARG A 9 1.36 6.19 0.95
N LEU A 10 1.26 5.22 0.05
CA LEU A 10 1.59 5.47 -1.36
C LEU A 10 0.91 4.44 -2.26
N ILE A 11 1.47 3.23 -2.29
CA ILE A 11 0.92 2.16 -3.11
C ILE A 11 1.04 0.81 -2.39
N LEU A 12 -0.03 0.40 -1.72
CA LEU A 12 -0.02 -0.87 -1.00
C LEU A 12 -1.13 -0.89 0.05
N SER A 13 -1.56 -2.09 0.42
CA SER A 13 -2.62 -2.24 1.42
C SER A 13 -2.09 -1.92 2.81
N LYS A 14 -2.96 -1.41 3.67
CA LYS A 14 -2.57 -1.06 5.04
C LYS A 14 -2.28 -2.33 5.84
N ASN A 15 -1.28 -2.25 6.71
CA ASN A 15 -0.92 -3.39 7.54
C ASN A 15 0.13 -2.99 8.58
N LEU A 1 2.20 1.78 1.37
CA LEU A 1 3.29 1.98 0.42
C LEU A 1 4.45 1.02 0.68
N LEU A 2 4.61 0.05 -0.20
CA LEU A 2 5.69 -0.92 -0.07
C LEU A 2 5.50 -2.06 -1.06
N GLY A 3 4.27 -2.21 -1.53
CA GLY A 3 3.95 -3.27 -2.49
C GLY A 3 3.23 -2.69 -3.70
N ARG A 4 1.91 -2.79 -3.68
CA ARG A 4 1.08 -2.26 -4.76
C ARG A 4 -0.39 -2.46 -4.43
N SER A 5 -0.72 -3.67 -3.97
CA SER A 5 -2.10 -3.98 -3.61
C SER A 5 -2.52 -3.24 -2.34
N GLY A 6 -3.75 -2.73 -2.34
CA GLY A 6 -4.25 -2.01 -1.18
C GLY A 6 -3.93 -0.53 -1.30
N ASN A 7 -4.36 0.25 -0.31
CA ASN A 7 -4.11 1.68 -0.30
C ASN A 7 -3.39 2.10 0.98
N ASP A 8 -2.09 2.36 0.85
CA ASP A 8 -1.30 2.77 2.02
C ASP A 8 -0.83 4.21 1.84
N ARG A 9 0.39 4.49 2.32
CA ARG A 9 0.94 5.83 2.21
C ARG A 9 1.06 6.25 0.75
N LEU A 10 1.34 5.27 -0.12
CA LEU A 10 1.46 5.56 -1.55
C LEU A 10 0.67 4.54 -2.37
N ILE A 11 1.01 3.26 -2.20
CA ILE A 11 0.33 2.20 -2.92
C ILE A 11 0.54 0.85 -2.22
N LEU A 12 -0.42 0.46 -1.39
CA LEU A 12 -0.32 -0.81 -0.68
C LEU A 12 -1.45 -0.93 0.35
N SER A 13 -1.65 -2.14 0.86
CA SER A 13 -2.69 -2.37 1.84
C SER A 13 -2.36 -1.68 3.17
N LYS A 14 -1.09 -1.29 3.32
CA LYS A 14 -0.66 -0.62 4.53
C LYS A 14 -0.70 -1.58 5.72
N ASN A 15 -1.22 -2.78 5.49
CA ASN A 15 -1.31 -3.78 6.54
C ASN A 15 -1.44 -3.11 7.91
N LEU A 1 2.17 1.34 1.32
CA LEU A 1 3.16 1.38 0.24
C LEU A 1 4.02 0.12 0.25
N LEU A 2 3.68 -0.80 1.16
CA LEU A 2 4.44 -2.06 1.26
C LEU A 2 4.30 -2.86 -0.03
N GLY A 3 3.07 -2.92 -0.53
CA GLY A 3 2.79 -3.66 -1.76
C GLY A 3 2.56 -2.70 -2.91
N ARG A 4 1.65 -3.08 -3.81
CA ARG A 4 1.32 -2.27 -4.96
C ARG A 4 -0.18 -2.01 -5.00
N SER A 5 -0.95 -3.01 -4.58
CA SER A 5 -2.40 -2.89 -4.55
C SER A 5 -2.86 -2.04 -3.38
N GLY A 6 -3.73 -2.60 -2.54
CA GLY A 6 -4.24 -1.89 -1.38
C GLY A 6 -4.09 -0.39 -1.57
N ASN A 7 -3.75 0.31 -0.50
CA ASN A 7 -3.58 1.76 -0.56
C ASN A 7 -3.08 2.30 0.78
N ASP A 8 -1.76 2.22 0.99
CA ASP A 8 -1.16 2.71 2.21
C ASP A 8 -0.91 4.22 2.12
N ARG A 9 -1.52 4.85 1.12
CA ARG A 9 -1.35 6.28 0.90
C ARG A 9 -0.17 6.55 -0.04
N LEU A 10 0.55 5.49 -0.40
CA LEU A 10 1.69 5.62 -1.30
C LEU A 10 1.60 4.61 -2.44
N ILE A 11 1.22 3.38 -2.10
CA ILE A 11 1.09 2.33 -3.10
C ILE A 11 0.07 1.27 -2.65
N LEU A 12 0.49 0.43 -1.71
CA LEU A 12 -0.40 -0.61 -1.19
C LEU A 12 -0.55 -0.49 0.32
N SER A 13 -1.73 -0.79 0.82
CA SER A 13 -2.01 -0.71 2.24
C SER A 13 -0.94 -1.45 3.05
N LYS A 14 -0.45 -0.82 4.10
CA LYS A 14 0.58 -1.43 4.94
C LYS A 14 -0.05 -2.40 5.93
N ASN A 15 0.57 -3.57 6.08
CA ASN A 15 0.06 -4.58 7.00
C ASN A 15 -1.37 -4.95 6.65
N LEU A 1 1.99 1.69 1.57
CA LEU A 1 3.10 1.78 0.62
C LEU A 1 4.17 0.74 0.92
N LEU A 2 4.37 -0.16 -0.04
CA LEU A 2 5.38 -1.21 0.12
C LEU A 2 5.18 -2.29 -0.95
N GLY A 3 4.57 -1.89 -2.07
CA GLY A 3 4.31 -2.82 -3.15
C GLY A 3 3.22 -2.26 -4.06
N ARG A 4 2.20 -3.09 -4.32
CA ARG A 4 1.09 -2.70 -5.16
C ARG A 4 -0.12 -3.56 -4.84
N SER A 5 -0.85 -3.18 -3.79
CA SER A 5 -2.04 -3.94 -3.37
C SER A 5 -2.69 -3.27 -2.17
N GLY A 6 -3.38 -2.16 -2.40
CA GLY A 6 -4.05 -1.44 -1.33
C GLY A 6 -3.91 0.06 -1.51
N ASN A 7 -4.25 0.81 -0.47
CA ASN A 7 -4.17 2.26 -0.53
C ASN A 7 -3.48 2.81 0.71
N ASP A 8 -2.24 2.42 0.92
CA ASP A 8 -1.48 2.89 2.08
C ASP A 8 -0.98 4.30 1.85
N ARG A 9 0.23 4.58 2.31
CA ARG A 9 0.83 5.90 2.15
C ARG A 9 1.03 6.22 0.67
N LEU A 10 1.38 5.21 -0.12
CA LEU A 10 1.60 5.40 -1.55
C LEU A 10 0.77 4.39 -2.35
N ILE A 11 1.26 3.16 -2.43
CA ILE A 11 0.56 2.12 -3.16
C ILE A 11 0.72 0.77 -2.45
N LEU A 12 -0.33 0.36 -1.73
CA LEU A 12 -0.29 -0.90 -1.01
C LEU A 12 -1.29 -0.90 0.14
N SER A 13 -1.68 -2.09 0.58
CA SER A 13 -2.64 -2.22 1.67
C SER A 13 -1.95 -1.98 3.02
N LYS A 14 -2.75 -1.61 4.02
CA LYS A 14 -2.19 -1.36 5.35
C LYS A 14 -1.71 -2.65 5.98
N ASN A 15 -0.55 -2.59 6.64
CA ASN A 15 0.01 -3.76 7.29
C ASN A 15 0.25 -4.87 6.27
N LEU A 1 2.16 1.83 1.33
CA LEU A 1 3.13 1.98 0.27
C LEU A 1 4.06 0.78 0.22
N LEU A 2 4.91 0.73 -0.82
CA LEU A 2 5.84 -0.38 -0.98
C LEU A 2 5.12 -1.58 -1.59
N GLY A 3 5.01 -1.59 -2.93
CA GLY A 3 4.34 -2.67 -3.63
C GLY A 3 2.86 -2.36 -3.82
N ARG A 4 2.18 -3.17 -4.62
CA ARG A 4 0.76 -2.95 -4.87
C ARG A 4 -0.08 -4.03 -4.16
N SER A 5 -0.95 -3.61 -3.26
CA SER A 5 -1.80 -4.55 -2.54
C SER A 5 -3.10 -3.88 -2.10
N GLY A 6 -2.96 -2.76 -1.40
CA GLY A 6 -4.13 -2.03 -0.93
C GLY A 6 -3.88 -0.53 -0.98
N ASN A 7 -4.35 0.19 0.04
CA ASN A 7 -4.16 1.62 0.09
C ASN A 7 -3.37 2.04 1.34
N ASP A 8 -2.11 2.42 1.13
CA ASP A 8 -1.27 2.83 2.23
C ASP A 8 -0.80 4.28 2.03
N ARG A 9 0.41 4.56 2.47
CA ARG A 9 0.95 5.91 2.34
C ARG A 9 1.03 6.31 0.86
N LEU A 10 1.50 5.39 0.02
CA LEU A 10 1.61 5.65 -1.40
C LEU A 10 0.99 4.50 -2.20
N ILE A 11 1.72 3.39 -2.28
CA ILE A 11 1.23 2.22 -3.00
C ILE A 11 1.39 0.95 -2.18
N LEU A 12 0.27 0.39 -1.72
CA LEU A 12 0.28 -0.83 -0.90
C LEU A 12 -0.86 -0.80 0.10
N SER A 13 -1.25 -1.96 0.60
CA SER A 13 -2.32 -2.06 1.58
C SER A 13 -1.84 -1.58 2.94
N LYS A 14 -2.79 -1.14 3.78
CA LYS A 14 -2.44 -0.65 5.11
C LYS A 14 -1.84 -1.78 5.94
N ASN A 15 -2.47 -2.95 5.89
CA ASN A 15 -2.00 -4.11 6.66
C ASN A 15 -1.69 -5.27 5.72
N LEU A 1 2.46 1.79 1.06
CA LEU A 1 3.47 2.09 0.05
C LEU A 1 4.68 1.16 0.17
N LEU A 2 4.55 -0.04 -0.38
CA LEU A 2 5.63 -1.01 -0.34
C LEU A 2 5.41 -2.12 -1.36
N GLY A 3 4.41 -1.91 -2.21
CA GLY A 3 4.07 -2.88 -3.24
C GLY A 3 3.07 -2.28 -4.23
N ARG A 4 1.83 -2.76 -4.15
CA ARG A 4 0.77 -2.28 -5.02
C ARG A 4 -0.47 -3.13 -4.83
N SER A 5 -0.73 -3.50 -3.58
CA SER A 5 -1.90 -4.31 -3.26
C SER A 5 -3.06 -3.44 -2.80
N GLY A 6 -3.02 -3.01 -1.54
CA GLY A 6 -4.07 -2.16 -1.00
C GLY A 6 -3.68 -0.69 -1.08
N ASN A 7 -4.13 0.09 -0.10
CA ASN A 7 -3.82 1.51 -0.08
C ASN A 7 -3.02 1.86 1.18
N ASP A 8 -1.82 2.40 0.98
CA ASP A 8 -0.97 2.77 2.11
C ASP A 8 -0.58 4.25 2.00
N ARG A 9 0.69 4.53 2.29
CA ARG A 9 1.18 5.90 2.22
C ARG A 9 1.04 6.46 0.80
N LEU A 10 1.34 5.63 -0.19
CA LEU A 10 1.23 6.05 -1.58
C LEU A 10 0.52 4.99 -2.41
N ILE A 11 1.06 3.77 -2.40
CA ILE A 11 0.47 2.67 -3.15
C ILE A 11 0.82 1.34 -2.51
N LEU A 12 -0.18 0.67 -1.94
CA LEU A 12 0.02 -0.61 -1.29
C LEU A 12 -0.96 -0.81 -0.15
N SER A 13 -1.17 -2.06 0.24
CA SER A 13 -2.10 -2.37 1.32
C SER A 13 -1.47 -2.04 2.68
N LYS A 14 -2.30 -1.97 3.70
CA LYS A 14 -1.81 -1.65 5.04
C LYS A 14 -2.44 -2.58 6.08
N ASN A 15 -1.71 -2.83 7.15
CA ASN A 15 -2.18 -3.71 8.21
C ASN A 15 -3.59 -3.29 8.66
N LEU A 1 1.93 1.50 1.36
CA LEU A 1 2.97 1.54 0.36
C LEU A 1 3.85 0.28 0.43
N LEU A 2 4.90 0.25 -0.37
CA LEU A 2 5.79 -0.90 -0.38
C LEU A 2 5.16 -2.07 -1.12
N GLY A 3 4.17 -1.76 -1.97
CA GLY A 3 3.49 -2.80 -2.72
C GLY A 3 2.56 -2.17 -3.76
N ARG A 4 1.70 -2.98 -4.35
CA ARG A 4 0.76 -2.49 -5.36
C ARG A 4 -0.65 -2.97 -5.04
N SER A 5 -0.79 -3.71 -3.94
CA SER A 5 -2.08 -4.24 -3.53
C SER A 5 -2.60 -3.48 -2.33
N GLY A 6 -3.75 -2.82 -2.49
CA GLY A 6 -4.34 -2.06 -1.40
C GLY A 6 -3.89 -0.60 -1.44
N ASN A 7 -4.43 0.21 -0.53
CA ASN A 7 -4.08 1.62 -0.48
C ASN A 7 -3.43 1.97 0.86
N ASP A 8 -2.19 2.45 0.82
CA ASP A 8 -1.48 2.81 2.03
C ASP A 8 -0.96 4.25 1.94
N ARG A 9 0.21 4.48 2.51
CA ARG A 9 0.80 5.82 2.49
C ARG A 9 1.12 6.24 1.05
N LEU A 10 1.60 5.28 0.25
CA LEU A 10 1.92 5.58 -1.15
C LEU A 10 1.18 4.61 -2.07
N ILE A 11 1.67 3.36 -2.11
CA ILE A 11 1.05 2.35 -2.96
C ILE A 11 1.15 0.97 -2.30
N LEU A 12 0.02 0.48 -1.78
CA LEU A 12 -0.03 -0.83 -1.13
C LEU A 12 -1.04 -0.81 0.03
N SER A 13 -1.47 -2.00 0.46
CA SER A 13 -2.42 -2.10 1.56
C SER A 13 -1.75 -1.71 2.88
N LYS A 14 -2.56 -1.31 3.85
CA LYS A 14 -2.03 -0.92 5.15
C LYS A 14 -1.83 -2.15 6.04
N ASN A 15 -0.65 -2.25 6.65
CA ASN A 15 -0.35 -3.39 7.52
C ASN A 15 1.01 -3.20 8.18
N LEU A 1 2.37 1.66 1.00
CA LEU A 1 3.37 1.90 -0.04
C LEU A 1 4.48 0.86 0.03
N LEU A 2 4.29 -0.26 -0.67
CA LEU A 2 5.28 -1.32 -0.70
C LEU A 2 4.69 -2.57 -1.33
N GLY A 3 4.63 -2.57 -2.66
CA GLY A 3 4.07 -3.70 -3.40
C GLY A 3 2.86 -3.26 -4.19
N ARG A 4 2.48 -2.00 -4.00
CA ARG A 4 1.34 -1.43 -4.71
C ARG A 4 0.21 -2.46 -4.79
N SER A 5 -0.26 -2.89 -3.63
CA SER A 5 -1.33 -3.88 -3.56
C SER A 5 -2.62 -3.23 -3.06
N GLY A 6 -2.56 -2.63 -1.87
CA GLY A 6 -3.73 -1.99 -1.30
C GLY A 6 -3.58 -0.47 -1.32
N ASN A 7 -3.99 0.17 -0.24
CA ASN A 7 -3.89 1.63 -0.15
C ASN A 7 -3.14 2.04 1.10
N ASP A 8 -1.85 2.35 0.94
CA ASP A 8 -1.02 2.76 2.08
C ASP A 8 -0.65 4.23 1.93
N ARG A 9 0.60 4.55 2.23
CA ARG A 9 1.09 5.92 2.13
C ARG A 9 1.06 6.39 0.68
N LEU A 10 1.39 5.49 -0.25
CA LEU A 10 1.40 5.83 -1.66
C LEU A 10 0.58 4.81 -2.46
N ILE A 11 0.76 3.53 -2.15
CA ILE A 11 0.03 2.48 -2.82
C ILE A 11 0.36 1.12 -2.24
N LEU A 12 -0.55 0.57 -1.44
CA LEU A 12 -0.34 -0.73 -0.81
C LEU A 12 -1.35 -0.96 0.30
N SER A 13 -1.62 -2.22 0.61
CA SER A 13 -2.55 -2.56 1.67
C SER A 13 -2.01 -2.17 3.03
N LYS A 14 -2.89 -1.71 3.91
CA LYS A 14 -2.47 -1.30 5.25
C LYS A 14 -2.37 -2.51 6.17
N ASN A 15 -1.41 -2.47 7.08
CA ASN A 15 -1.22 -3.58 8.02
C ASN A 15 -1.76 -4.87 7.44
N LEU A 1 1.75 1.84 1.62
CA LEU A 1 2.90 1.73 0.73
C LEU A 1 3.84 0.62 1.18
N LEU A 2 4.45 -0.05 0.21
CA LEU A 2 5.39 -1.14 0.49
C LEU A 2 5.36 -2.15 -0.65
N GLY A 3 4.90 -1.71 -1.81
CA GLY A 3 4.81 -2.58 -2.98
C GLY A 3 3.53 -2.29 -3.76
N ARG A 4 2.60 -3.24 -3.73
CA ARG A 4 1.34 -3.06 -4.44
C ARG A 4 0.22 -3.79 -3.69
N SER A 5 -0.82 -3.04 -3.31
CA SER A 5 -1.94 -3.63 -2.60
C SER A 5 -3.09 -2.62 -2.49
N GLY A 6 -3.67 -2.52 -1.29
CA GLY A 6 -4.77 -1.60 -1.07
C GLY A 6 -4.34 -0.17 -1.38
N ASN A 7 -4.68 0.76 -0.47
CA ASN A 7 -4.32 2.16 -0.67
C ASN A 7 -3.69 2.73 0.61
N ASP A 8 -2.37 2.74 0.65
CA ASP A 8 -1.66 3.28 1.81
C ASP A 8 -1.05 4.63 1.48
N ARG A 9 0.14 4.88 1.98
CA ARG A 9 0.82 6.15 1.74
C ARG A 9 1.05 6.33 0.24
N LEU A 10 1.45 5.26 -0.42
CA LEU A 10 1.70 5.31 -1.86
C LEU A 10 0.88 4.24 -2.58
N ILE A 11 1.30 2.98 -2.44
CA ILE A 11 0.59 1.89 -3.09
C ILE A 11 0.62 0.63 -2.21
N LEU A 12 -0.45 0.42 -1.45
CA LEU A 12 -0.54 -0.74 -0.58
C LEU A 12 -1.76 -0.63 0.35
N SER A 13 -2.00 -1.68 1.13
CA SER A 13 -3.13 -1.69 2.06
C SER A 13 -2.63 -1.55 3.50
N LYS A 14 -1.34 -1.29 3.65
CA LYS A 14 -0.74 -1.15 4.97
C LYS A 14 -0.72 -2.50 5.69
N ASN A 15 -0.49 -3.56 4.92
CA ASN A 15 -0.45 -4.90 5.49
C ASN A 15 -1.46 -5.05 6.61
N LEU A 1 2.69 1.21 0.40
CA LEU A 1 3.48 1.82 -0.66
C LEU A 1 4.73 0.98 -0.94
N LEU A 2 4.97 0.00 -0.08
CA LEU A 2 6.13 -0.87 -0.26
C LEU A 2 6.01 -1.64 -1.57
N GLY A 3 4.81 -2.13 -1.83
CA GLY A 3 4.54 -2.88 -3.06
C GLY A 3 3.38 -2.28 -3.83
N ARG A 4 2.40 -3.11 -4.17
CA ARG A 4 1.24 -2.64 -4.91
C ARG A 4 -0.01 -3.33 -4.38
N SER A 5 -1.16 -2.65 -4.50
CA SER A 5 -2.43 -3.21 -4.04
C SER A 5 -2.73 -2.78 -2.61
N GLY A 6 -3.44 -1.66 -2.48
CA GLY A 6 -3.79 -1.14 -1.17
C GLY A 6 -3.41 0.33 -1.04
N ASN A 7 -3.71 0.91 0.12
CA ASN A 7 -3.40 2.32 0.37
C ASN A 7 -1.95 2.48 0.85
N ASP A 8 -1.59 1.72 1.89
CA ASP A 8 -0.25 1.81 2.46
C ASP A 8 0.29 3.23 2.34
N ARG A 9 -0.62 4.20 2.43
CA ARG A 9 -0.23 5.60 2.33
C ARG A 9 -0.12 6.02 0.88
N LEU A 10 0.42 5.12 0.05
CA LEU A 10 0.58 5.41 -1.37
C LEU A 10 -0.01 4.29 -2.22
N ILE A 11 0.75 3.23 -2.41
CA ILE A 11 0.28 2.09 -3.19
C ILE A 11 0.63 0.78 -2.51
N LEU A 12 -0.38 0.08 -2.00
CA LEU A 12 -0.19 -1.20 -1.32
C LEU A 12 -1.11 -1.31 -0.11
N SER A 13 -1.34 -2.55 0.35
CA SER A 13 -2.19 -2.77 1.50
C SER A 13 -1.53 -2.24 2.77
N LYS A 14 -2.36 -1.82 3.72
CA LYS A 14 -1.84 -1.28 4.98
C LYS A 14 -2.39 -2.06 6.16
N ASN A 15 -1.53 -2.30 7.16
CA ASN A 15 -1.94 -3.04 8.34
C ASN A 15 -3.43 -2.85 8.62
N LEU A 1 1.82 1.66 1.92
CA LEU A 1 2.95 1.56 1.01
C LEU A 1 3.94 0.49 1.47
N LEU A 2 4.04 -0.57 0.71
CA LEU A 2 4.95 -1.66 1.04
C LEU A 2 4.96 -2.70 -0.08
N GLY A 3 3.91 -2.71 -0.89
CA GLY A 3 3.80 -3.64 -1.99
C GLY A 3 3.11 -2.99 -3.18
N ARG A 4 2.04 -3.63 -3.66
CA ARG A 4 1.29 -3.11 -4.79
C ARG A 4 -0.22 -3.13 -4.50
N SER A 5 -0.88 -2.02 -4.78
CA SER A 5 -2.33 -1.93 -4.55
C SER A 5 -2.66 -2.25 -3.09
N GLY A 6 -3.47 -1.40 -2.48
CA GLY A 6 -3.86 -1.60 -1.08
C GLY A 6 -4.37 -0.30 -0.48
N ASN A 7 -3.76 0.82 -0.86
CA ASN A 7 -4.17 2.13 -0.35
C ASN A 7 -3.51 2.45 0.99
N ASP A 8 -2.22 2.79 0.95
CA ASP A 8 -1.50 3.14 2.17
C ASP A 8 -0.75 4.46 1.99
N ARG A 9 -1.39 5.40 1.30
CA ARG A 9 -0.78 6.70 1.06
C ARG A 9 0.09 6.66 -0.20
N LEU A 10 0.48 5.45 -0.62
CA LEU A 10 1.30 5.28 -1.81
C LEU A 10 0.83 4.08 -2.61
N ILE A 11 1.28 2.89 -2.20
CA ILE A 11 0.88 1.67 -2.90
C ILE A 11 0.79 0.49 -1.91
N LEU A 12 -0.42 -0.04 -1.74
CA LEU A 12 -0.65 -1.17 -0.84
C LEU A 12 -1.31 -0.68 0.45
N SER A 13 -1.83 -1.61 1.24
CA SER A 13 -2.50 -1.26 2.49
C SER A 13 -1.49 -1.18 3.63
N LYS A 14 -0.24 -1.50 3.35
CA LYS A 14 0.80 -1.46 4.37
C LYS A 14 0.47 -2.41 5.51
N ASN A 15 0.13 -3.65 5.17
CA ASN A 15 -0.22 -4.64 6.19
C ASN A 15 -1.53 -4.28 6.87
N LEU A 1 1.73 1.26 1.40
CA LEU A 1 2.82 1.33 0.43
C LEU A 1 3.90 0.29 0.74
N LEU A 2 4.33 -0.41 -0.31
CA LEU A 2 5.36 -1.44 -0.15
C LEU A 2 5.52 -2.23 -1.44
N GLY A 3 4.57 -2.04 -2.36
CA GLY A 3 4.60 -2.72 -3.64
C GLY A 3 3.56 -2.15 -4.57
N ARG A 4 2.35 -2.69 -4.50
CA ARG A 4 1.24 -2.24 -5.33
C ARG A 4 0.00 -3.07 -5.03
N SER A 5 -0.40 -3.07 -3.76
CA SER A 5 -1.58 -3.82 -3.35
C SER A 5 -2.27 -3.14 -2.17
N GLY A 6 -3.57 -2.91 -2.31
CA GLY A 6 -4.33 -2.26 -1.24
C GLY A 6 -4.11 -0.76 -1.26
N ASN A 7 -4.46 -0.10 -0.17
CA ASN A 7 -4.28 1.34 -0.07
C ASN A 7 -3.52 1.72 1.20
N ASP A 8 -2.39 2.39 1.02
CA ASP A 8 -1.58 2.79 2.17
C ASP A 8 -1.03 4.19 1.95
N ARG A 9 0.20 4.42 2.38
CA ARG A 9 0.85 5.72 2.24
C ARG A 9 1.00 6.07 0.75
N LEU A 10 1.31 5.08 -0.07
CA LEU A 10 1.48 5.29 -1.50
C LEU A 10 0.49 4.45 -2.29
N ILE A 11 0.84 3.17 -2.47
CA ILE A 11 -0.01 2.25 -3.22
C ILE A 11 -0.40 1.06 -2.37
N LEU A 12 0.60 0.36 -1.85
CA LEU A 12 0.35 -0.82 -1.02
C LEU A 12 -0.60 -0.48 0.11
N SER A 13 -0.87 -1.46 0.96
CA SER A 13 -1.77 -1.27 2.10
C SER A 13 -1.00 -1.35 3.41
N LYS A 14 -1.38 -0.52 4.37
CA LYS A 14 -0.72 -0.51 5.68
C LYS A 14 -0.91 -1.85 6.38
N ASN A 15 -2.12 -2.39 6.29
CA ASN A 15 -2.42 -3.67 6.93
C ASN A 15 -2.89 -4.68 5.89
N LEU A 1 1.63 1.65 1.72
CA LEU A 1 2.81 1.58 0.86
C LEU A 1 3.68 0.40 1.24
N LEU A 2 3.49 -0.73 0.56
CA LEU A 2 4.26 -1.93 0.83
C LEU A 2 4.51 -2.68 -0.47
N GLY A 3 3.89 -2.20 -1.54
CA GLY A 3 4.03 -2.82 -2.85
C GLY A 3 2.96 -2.30 -3.80
N ARG A 4 2.16 -3.21 -4.34
CA ARG A 4 1.09 -2.81 -5.25
C ARG A 4 -0.16 -3.66 -5.01
N SER A 5 -1.27 -2.99 -4.71
CA SER A 5 -2.53 -3.69 -4.46
C SER A 5 -3.48 -2.82 -3.63
N GLY A 6 -3.16 -2.66 -2.35
CA GLY A 6 -3.98 -1.86 -1.46
C GLY A 6 -3.65 -0.38 -1.61
N ASN A 7 -4.35 0.46 -0.84
CA ASN A 7 -4.12 1.89 -0.91
C ASN A 7 -3.65 2.43 0.45
N ASP A 8 -2.34 2.61 0.60
CA ASP A 8 -1.79 3.12 1.85
C ASP A 8 -1.27 4.54 1.65
N ARG A 9 -0.17 4.85 2.32
CA ARG A 9 0.43 6.18 2.22
C ARG A 9 0.99 6.41 0.82
N LEU A 10 1.22 5.33 0.08
CA LEU A 10 1.75 5.43 -1.27
C LEU A 10 1.09 4.41 -2.19
N ILE A 11 1.59 3.18 -2.17
CA ILE A 11 1.03 2.12 -2.99
C ILE A 11 0.88 0.83 -2.20
N LEU A 12 -0.36 0.35 -2.10
CA LEU A 12 -0.66 -0.89 -1.38
C LEU A 12 -1.18 -0.59 0.02
N SER A 13 -1.78 -1.59 0.65
CA SER A 13 -2.32 -1.42 2.00
C SER A 13 -1.20 -1.42 3.04
N LYS A 14 -1.52 -1.02 4.26
CA LYS A 14 -0.53 -0.99 5.33
C LYS A 14 -0.64 -2.25 6.19
N ASN A 15 0.50 -2.73 6.66
CA ASN A 15 0.54 -3.92 7.51
C ASN A 15 -0.46 -3.80 8.64
N LEU A 1 2.19 1.06 1.80
CA LEU A 1 3.24 1.31 0.80
C LEU A 1 4.24 0.16 0.79
N LEU A 2 4.21 -0.63 -0.29
CA LEU A 2 5.12 -1.76 -0.42
C LEU A 2 5.18 -2.20 -1.89
N GLY A 3 4.20 -1.76 -2.67
CA GLY A 3 4.14 -2.11 -4.09
C GLY A 3 2.78 -1.73 -4.66
N ARG A 4 2.03 -2.73 -5.10
CA ARG A 4 0.70 -2.49 -5.66
C ARG A 4 -0.29 -3.52 -5.15
N SER A 5 -1.40 -3.04 -4.61
CA SER A 5 -2.43 -3.93 -4.09
C SER A 5 -3.33 -3.20 -3.09
N GLY A 6 -2.92 -3.18 -1.83
CA GLY A 6 -3.70 -2.51 -0.80
C GLY A 6 -3.38 -1.02 -0.76
N ASN A 7 -4.16 -0.26 -0.01
CA ASN A 7 -3.94 1.17 0.10
C ASN A 7 -3.29 1.52 1.45
N ASP A 8 -1.99 1.79 1.41
CA ASP A 8 -1.27 2.14 2.63
C ASP A 8 -0.88 3.61 2.61
N ARG A 9 0.33 3.91 3.07
CA ARG A 9 0.82 5.28 3.09
C ARG A 9 1.10 5.78 1.69
N LEU A 10 1.29 4.85 0.75
CA LEU A 10 1.56 5.22 -0.63
C LEU A 10 0.88 4.25 -1.58
N ILE A 11 1.52 3.11 -1.80
CA ILE A 11 0.96 2.10 -2.70
C ILE A 11 1.10 0.70 -2.10
N LEU A 12 -0.03 0.02 -1.95
CA LEU A 12 -0.04 -1.34 -1.41
C LEU A 12 -0.25 -1.31 0.10
N SER A 13 -0.55 -2.48 0.68
CA SER A 13 -0.76 -2.56 2.12
C SER A 13 -1.79 -1.53 2.58
N LYS A 14 -2.44 -1.82 3.71
CA LYS A 14 -3.45 -0.91 4.25
C LYS A 14 -2.85 -0.05 5.37
N ASN A 15 -1.61 -0.34 5.73
CA ASN A 15 -0.94 0.41 6.79
C ASN A 15 -1.17 1.90 6.62
N LEU A 1 2.00 1.19 1.71
CA LEU A 1 3.19 1.25 0.87
C LEU A 1 4.13 0.10 1.19
N LEU A 2 3.86 -1.06 0.60
CA LEU A 2 4.69 -2.24 0.81
C LEU A 2 4.78 -3.05 -0.48
N GLY A 3 4.12 -2.56 -1.52
CA GLY A 3 4.12 -3.24 -2.82
C GLY A 3 3.10 -2.61 -3.75
N ARG A 4 2.09 -3.38 -4.13
CA ARG A 4 1.05 -2.89 -5.01
C ARG A 4 -0.22 -3.71 -4.86
N SER A 5 -1.05 -3.34 -3.90
CA SER A 5 -2.30 -4.05 -3.65
C SER A 5 -3.03 -3.45 -2.46
N GLY A 6 -3.36 -2.17 -2.56
CA GLY A 6 -4.07 -1.49 -1.48
C GLY A 6 -3.66 -0.02 -1.40
N ASN A 7 -4.27 0.72 -0.49
CA ASN A 7 -3.96 2.14 -0.32
C ASN A 7 -3.29 2.37 1.04
N ASP A 8 -2.00 2.67 1.00
CA ASP A 8 -1.25 2.93 2.24
C ASP A 8 -0.57 4.28 2.16
N ARG A 9 -1.33 5.31 1.80
CA ARG A 9 -0.80 6.66 1.70
C ARG A 9 0.15 6.77 0.50
N LEU A 10 0.47 5.62 -0.10
CA LEU A 10 1.37 5.61 -1.25
C LEU A 10 0.95 4.53 -2.24
N ILE A 11 1.59 3.36 -2.15
CA ILE A 11 1.27 2.25 -3.05
C ILE A 11 1.01 0.97 -2.27
N LEU A 12 -0.24 0.51 -2.29
CA LEU A 12 -0.62 -0.71 -1.59
C LEU A 12 -1.14 -0.38 -0.20
N SER A 13 -1.86 -1.32 0.41
CA SER A 13 -2.41 -1.11 1.74
C SER A 13 -1.33 -1.32 2.80
N LYS A 14 -1.57 -0.78 4.00
CA LYS A 14 -0.62 -0.91 5.09
C LYS A 14 -0.76 -2.27 5.77
N ASN A 15 0.36 -2.91 6.07
CA ASN A 15 0.35 -4.21 6.72
C ASN A 15 0.04 -4.06 8.21
N LEU A 1 2.08 1.19 1.03
CA LEU A 1 2.92 1.44 -0.13
C LEU A 1 4.13 0.52 -0.15
N LEU A 2 4.17 -0.42 0.77
CA LEU A 2 5.29 -1.36 0.83
C LEU A 2 5.37 -2.18 -0.46
N GLY A 3 4.22 -2.61 -0.94
CA GLY A 3 4.15 -3.39 -2.17
C GLY A 3 3.23 -2.73 -3.18
N ARG A 4 2.30 -3.50 -3.72
CA ARG A 4 1.34 -2.97 -4.70
C ARG A 4 -0.06 -3.48 -4.39
N SER A 5 -1.07 -2.68 -4.73
CA SER A 5 -2.45 -3.06 -4.49
C SER A 5 -2.84 -2.75 -3.04
N GLY A 6 -3.38 -1.56 -2.82
CA GLY A 6 -3.80 -1.16 -1.48
C GLY A 6 -3.79 0.36 -1.34
N ASN A 7 -3.90 0.83 -0.10
CA ASN A 7 -3.92 2.27 0.15
C ASN A 7 -3.14 2.60 1.42
N ASP A 8 -1.90 2.13 1.50
CA ASP A 8 -1.06 2.37 2.66
C ASP A 8 -0.74 3.86 2.78
N ARG A 9 -0.61 4.52 1.63
CA ARG A 9 -0.30 5.95 1.60
C ARG A 9 0.18 6.36 0.20
N LEU A 10 0.55 5.36 -0.61
CA LEU A 10 1.03 5.64 -1.96
C LEU A 10 0.63 4.50 -2.90
N ILE A 11 0.70 3.27 -2.41
CA ILE A 11 0.36 2.11 -3.23
C ILE A 11 -0.28 1.01 -2.38
N LEU A 12 0.51 -0.02 -2.05
CA LEU A 12 0.01 -1.13 -1.26
C LEU A 12 -0.69 -0.63 -0.01
N SER A 13 -1.52 -1.47 0.61
CA SER A 13 -2.23 -1.08 1.80
C SER A 13 -1.40 -1.38 3.05
N LYS A 14 -1.86 -0.90 4.20
CA LYS A 14 -1.16 -1.12 5.46
C LYS A 14 -1.27 -2.57 5.89
N ASN A 15 -0.19 -3.11 6.45
CA ASN A 15 -0.19 -4.49 6.91
C ASN A 15 1.18 -4.86 7.50
#